data_5RPJ
#
_entry.id   5RPJ
#
_cell.length_a   67.740
_cell.length_b   67.740
_cell.length_c   101.580
_cell.angle_alpha   90.000
_cell.angle_beta   90.000
_cell.angle_gamma   90.000
#
_symmetry.space_group_name_H-M   'P 43 21 2'
#
loop_
_entity.id
_entity.type
_entity.pdbx_description
1 polymer 'Proteinase K'
2 non-polymer 'SULFATE ION'
3 non-polymer 4-oxo-N-[(1S)-1-(pyridin-3-yl)ethyl]-4-(thiophen-2-yl)butanamide
4 water water
#
_entity_poly.entity_id   1
_entity_poly.type   'polypeptide(L)'
_entity_poly.pdbx_seq_one_letter_code
;AAQTNAPWGLARISSTSPGTSTYYYDESAGQGSCVYVIDTGIEASHPEFEGRAQMVKTYYYSSRDGNGHGTHCAGTVGSR
TYGVAKKTQLFGVKVLDDNGSGQYSTIIAGMDFVASDKNNRNCPKGVVASLSLGGGYSSSVNSAAARLQSSGVMVAVAAG
NNNADARNYSPASEPSVCTVGASDRYDRRSSFSNYGSVLDIFGPGTDILSTWIGGSTRSISGTSMATPHVAGLAAYLMTL
GKTTAASACRYIADTANKGDLSNIPFGTVNLLAYNNYQA
;
_entity_poly.pdbx_strand_id   A
#
# COMPACT_ATOMS: atom_id res chain seq x y z
N ALA A 1 -11.77 -10.08 15.31
CA ALA A 1 -11.68 -11.26 14.46
C ALA A 1 -10.25 -11.77 14.37
N ALA A 2 -10.11 -13.04 14.00
CA ALA A 2 -8.81 -13.70 13.91
C ALA A 2 -8.80 -14.55 12.65
N GLN A 3 -7.72 -14.42 11.88
CA GLN A 3 -7.47 -15.26 10.71
C GLN A 3 -6.23 -16.10 11.02
N THR A 4 -6.41 -17.41 11.20
CA THR A 4 -5.26 -18.26 11.48
C THR A 4 -4.47 -18.55 10.20
N ASN A 5 -3.20 -18.93 10.39
CA ASN A 5 -2.28 -19.22 9.28
C ASN A 5 -2.29 -18.14 8.24
N ALA A 6 -2.23 -16.92 8.69
CA ALA A 6 -2.22 -15.80 7.78
C ALA A 6 -0.81 -15.61 7.23
N PRO A 7 -0.69 -14.89 6.11
CA PRO A 7 0.65 -14.47 5.67
C PRO A 7 1.35 -13.74 6.80
N TRP A 8 2.67 -13.92 6.91
CA TRP A 8 3.39 -13.38 8.06
C TRP A 8 3.19 -11.87 8.20
N GLY A 9 3.06 -11.15 7.08
CA GLY A 9 2.95 -9.71 7.14
C GLY A 9 1.65 -9.24 7.78
N LEU A 10 0.54 -9.95 7.49
CA LEU A 10 -0.71 -9.62 8.16
C LEU A 10 -0.60 -9.87 9.65
N ALA A 11 -0.03 -11.02 10.04
CA ALA A 11 0.20 -11.27 11.46
C ALA A 11 1.09 -10.19 12.06
N ARG A 12 2.10 -9.75 11.34
CA ARG A 12 3.04 -8.78 11.89
C ARG A 12 2.36 -7.44 12.17
N ILE A 13 1.50 -6.98 11.26
CA ILE A 13 0.87 -5.69 11.47
C ILE A 13 -0.17 -5.70 12.58
N SER A 14 -0.54 -6.87 13.09
CA SER A 14 -1.44 -6.91 14.23
C SER A 14 -0.75 -7.43 15.49
N SER A 15 0.57 -7.39 15.52
CA SER A 15 1.31 -7.96 16.63
C SER A 15 2.35 -6.98 17.16
N THR A 16 2.61 -7.08 18.47
CA THR A 16 3.74 -6.37 19.07
C THR A 16 5.06 -7.13 18.97
N SER A 17 5.05 -8.36 18.47
CA SER A 17 6.24 -9.18 18.34
C SER A 17 6.23 -9.92 17.02
N PRO A 18 7.41 -10.16 16.45
CA PRO A 18 7.50 -11.03 15.28
C PRO A 18 7.26 -12.48 15.70
N GLY A 19 7.09 -13.33 14.70
CA GLY A 19 7.09 -14.75 14.94
C GLY A 19 5.73 -15.38 15.18
N THR A 20 4.64 -14.68 14.92
CA THR A 20 3.31 -15.25 15.05
C THR A 20 2.66 -15.32 13.67
N SER A 21 1.56 -16.06 13.59
CA SER A 21 0.96 -16.35 12.29
C SER A 21 -0.55 -16.13 12.24
N THR A 22 -1.14 -15.49 13.23
CA THR A 22 -2.56 -15.17 13.22
C THR A 22 -2.72 -13.67 13.04
N TYR A 23 -3.63 -13.26 12.15
CA TYR A 23 -3.94 -11.86 11.92
C TYR A 23 -5.19 -11.50 12.71
N TYR A 24 -5.08 -10.48 13.57
CA TYR A 24 -6.19 -10.03 14.40
C TYR A 24 -6.66 -8.66 13.92
N TYR A 25 -7.97 -8.50 13.75
CA TYR A 25 -8.49 -7.26 13.20
C TYR A 25 -9.95 -7.11 13.55
N ASP A 26 -10.41 -5.87 13.62
CA ASP A 26 -11.83 -5.61 13.81
C ASP A 26 -12.61 -6.06 12.57
N GLU A 27 -13.75 -6.72 12.79
CA GLU A 27 -14.50 -7.32 11.70
C GLU A 27 -15.04 -6.30 10.69
N SER A 28 -15.07 -5.01 11.04
CA SER A 28 -15.49 -4.01 10.06
C SER A 28 -14.60 -4.05 8.82
N ALA A 29 -13.31 -4.34 8.99
CA ALA A 29 -12.44 -4.76 7.89
C ALA A 29 -12.40 -3.75 6.73
N GLY A 30 -12.48 -2.45 7.03
CA GLY A 30 -12.42 -1.49 5.95
C GLY A 30 -13.69 -1.30 5.15
N GLN A 31 -14.81 -1.86 5.58
CA GLN A 31 -16.07 -1.64 4.88
C GLN A 31 -16.38 -0.16 4.78
N GLY A 32 -16.84 0.29 3.62
CA GLY A 32 -17.19 1.69 3.46
C GLY A 32 -16.04 2.59 3.05
N SER A 33 -14.81 2.05 3.00
CA SER A 33 -13.65 2.75 2.48
C SER A 33 -13.38 2.30 1.05
N CYS A 34 -12.49 3.03 0.38
CA CYS A 34 -12.07 2.66 -0.97
C CYS A 34 -10.58 2.83 -1.08
N VAL A 35 -9.93 1.91 -1.80
CA VAL A 35 -8.50 2.01 -2.07
C VAL A 35 -8.27 1.92 -3.57
N TYR A 36 -7.61 2.94 -4.12
CA TYR A 36 -7.16 2.90 -5.50
C TYR A 36 -5.76 2.30 -5.56
N VAL A 37 -5.58 1.34 -6.45
CA VAL A 37 -4.29 0.69 -6.67
C VAL A 37 -3.82 1.16 -8.04
N ILE A 38 -2.81 2.03 -8.04
CA ILE A 38 -2.33 2.71 -9.24
C ILE A 38 -1.10 1.94 -9.67
N ASP A 39 -1.22 1.12 -10.73
CA ASP A 39 -0.22 0.09 -10.96
C ASP A 39 -0.40 -0.51 -12.35
N THR A 40 -0.18 -1.82 -12.49
CA THR A 40 -0.32 -2.51 -13.76
C THR A 40 -1.75 -2.98 -14.02
N GLY A 41 -2.70 -2.65 -13.15
CA GLY A 41 -4.06 -3.17 -13.23
C GLY A 41 -4.35 -4.12 -12.08
N ILE A 42 -5.57 -4.65 -12.09
CA ILE A 42 -6.03 -5.65 -11.13
C ILE A 42 -6.84 -6.69 -11.89
N GLU A 43 -6.54 -7.97 -11.65
CA GLU A 43 -7.41 -9.04 -12.14
C GLU A 43 -8.63 -9.10 -11.23
N ALA A 44 -9.63 -8.27 -11.54
CA ALA A 44 -10.80 -8.15 -10.69
C ALA A 44 -11.60 -9.43 -10.59
N SER A 45 -11.52 -10.30 -11.59
CA SER A 45 -12.26 -11.56 -11.56
C SER A 45 -11.65 -12.59 -10.60
N HIS A 46 -10.50 -12.32 -10.02
CA HIS A 46 -9.90 -13.28 -9.09
C HIS A 46 -10.89 -13.58 -7.95
N PRO A 47 -11.16 -14.86 -7.65
CA PRO A 47 -12.10 -15.16 -6.55
C PRO A 47 -11.76 -14.46 -5.25
N GLU A 48 -10.48 -14.19 -5.01
CA GLU A 48 -10.06 -13.54 -3.79
C GLU A 48 -10.63 -12.14 -3.61
N PHE A 49 -11.07 -11.48 -4.68
CA PHE A 49 -11.60 -10.12 -4.56
C PHE A 49 -13.11 -10.08 -4.33
N GLU A 50 -13.82 -11.17 -4.60
CA GLU A 50 -15.23 -11.32 -4.19
C GLU A 50 -16.15 -10.28 -4.80
N GLY A 51 -15.82 -9.76 -5.98
CA GLY A 51 -16.61 -8.70 -6.58
C GLY A 51 -16.36 -7.31 -6.05
N ARG A 52 -15.43 -7.15 -5.11
CA ARG A 52 -15.12 -5.84 -4.53
C ARG A 52 -14.06 -5.07 -5.30
N ALA A 53 -13.48 -5.65 -6.35
CA ALA A 53 -12.48 -4.96 -7.16
C ALA A 53 -13.05 -4.64 -8.53
N GLN A 54 -12.60 -3.51 -9.07
CA GLN A 54 -12.99 -3.14 -10.43
C GLN A 54 -11.93 -2.23 -11.02
N MET A 55 -11.70 -2.40 -12.31
CA MET A 55 -10.84 -1.48 -13.04
C MET A 55 -11.67 -0.25 -13.38
N VAL A 56 -11.11 0.94 -13.15
CA VAL A 56 -11.80 2.19 -13.47
C VAL A 56 -11.09 3.02 -14.50
N LYS A 57 -9.83 2.73 -14.80
CA LYS A 57 -9.10 3.57 -15.75
C LYS A 57 -7.90 2.80 -16.25
N THR A 58 -7.61 2.95 -17.54
CA THR A 58 -6.35 2.50 -18.11
C THR A 58 -5.85 3.55 -19.09
N TYR A 59 -4.54 3.56 -19.29
CA TYR A 59 -3.92 4.41 -20.31
C TYR A 59 -3.34 3.60 -21.45
N TYR A 60 -3.67 2.31 -21.51
CA TYR A 60 -3.13 1.36 -22.47
C TYR A 60 -4.28 0.70 -23.21
N TYR A 61 -3.93 -0.16 -24.17
CA TYR A 61 -4.96 -0.73 -25.02
C TYR A 61 -5.95 -1.59 -24.24
N SER A 62 -5.56 -2.08 -23.06
CA SER A 62 -6.45 -2.88 -22.24
C SER A 62 -6.33 -2.43 -20.79
N SER A 63 -7.36 -2.71 -20.01
CA SER A 63 -7.31 -2.51 -18.56
C SER A 63 -6.86 -3.76 -17.81
N ARG A 64 -6.62 -4.86 -18.52
CA ARG A 64 -6.23 -6.10 -17.86
C ARG A 64 -4.82 -5.99 -17.29
N ASP A 65 -4.61 -6.64 -16.14
CA ASP A 65 -3.28 -6.80 -15.58
C ASP A 65 -2.61 -7.96 -16.30
N GLY A 66 -1.74 -7.65 -17.25
CA GLY A 66 -0.95 -8.67 -17.91
C GLY A 66 0.40 -8.91 -17.25
N ASN A 67 0.64 -8.31 -16.09
CA ASN A 67 1.90 -8.46 -15.38
C ASN A 67 1.75 -9.29 -14.11
N GLY A 68 0.82 -8.91 -13.23
CA GLY A 68 0.63 -9.55 -11.95
C GLY A 68 0.91 -8.62 -10.78
N HIS A 69 1.83 -7.67 -10.97
CA HIS A 69 2.26 -6.82 -9.86
C HIS A 69 1.08 -6.07 -9.23
N GLY A 70 0.24 -5.44 -10.06
CA GLY A 70 -0.89 -4.71 -9.52
C GLY A 70 -1.88 -5.59 -8.79
N THR A 71 -2.09 -6.80 -9.31
CA THR A 71 -2.99 -7.77 -8.67
C THR A 71 -2.44 -8.20 -7.31
N HIS A 72 -1.13 -8.37 -7.23
CA HIS A 72 -0.51 -8.75 -5.96
C HIS A 72 -0.67 -7.63 -4.93
N CYS A 73 -0.42 -6.39 -5.34
CA CYS A 73 -0.55 -5.27 -4.42
C CYS A 73 -2.00 -5.12 -3.97
N ALA A 74 -2.94 -5.19 -4.93
CA ALA A 74 -4.36 -5.12 -4.58
C ALA A 74 -4.75 -6.22 -3.61
N GLY A 75 -4.18 -7.41 -3.78
CA GLY A 75 -4.47 -8.50 -2.87
C GLY A 75 -4.03 -8.22 -1.46
N THR A 76 -2.88 -7.55 -1.29
CA THR A 76 -2.41 -7.22 0.05
C THR A 76 -3.27 -6.13 0.68
N VAL A 77 -3.79 -5.21 -0.14
CA VAL A 77 -4.74 -4.23 0.39
C VAL A 77 -5.99 -4.91 0.90
N GLY A 78 -6.61 -5.76 0.07
CA GLY A 78 -8.00 -6.08 0.28
C GLY A 78 -8.51 -7.44 -0.18
N SER A 79 -7.67 -8.39 -0.56
CA SER A 79 -8.18 -9.72 -0.84
C SER A 79 -8.68 -10.39 0.44
N ARG A 80 -9.60 -11.35 0.27
CA ARG A 80 -10.19 -12.01 1.43
C ARG A 80 -9.14 -12.72 2.27
N THR A 81 -8.22 -13.45 1.63
CA THR A 81 -7.23 -14.22 2.39
C THR A 81 -5.97 -13.42 2.67
N TYR A 82 -5.50 -12.65 1.69
CA TYR A 82 -4.18 -12.05 1.78
C TYR A 82 -4.21 -10.57 2.12
N GLY A 83 -5.40 -10.01 2.37
CA GLY A 83 -5.56 -8.58 2.51
C GLY A 83 -5.70 -8.08 3.94
N VAL A 84 -5.24 -6.84 4.13
CA VAL A 84 -5.38 -6.16 5.40
C VAL A 84 -6.83 -5.76 5.66
N ALA A 85 -7.49 -5.18 4.66
CA ALA A 85 -8.82 -4.57 4.77
C ALA A 85 -9.75 -5.41 3.89
N LYS A 86 -10.27 -6.48 4.48
CA LYS A 86 -10.91 -7.55 3.71
C LYS A 86 -12.29 -7.17 3.19
N LYS A 87 -12.82 -6.00 3.54
CA LYS A 87 -14.12 -5.56 3.05
C LYS A 87 -14.04 -4.22 2.33
N THR A 88 -12.85 -3.72 2.00
CA THR A 88 -12.74 -2.47 1.29
C THR A 88 -13.14 -2.66 -0.19
N GLN A 89 -13.44 -1.55 -0.84
CA GLN A 89 -13.65 -1.53 -2.28
C GLN A 89 -12.33 -1.17 -2.94
N LEU A 90 -11.95 -1.91 -3.98
CA LEU A 90 -10.69 -1.72 -4.67
C LEU A 90 -10.95 -1.17 -6.06
N PHE A 91 -10.20 -0.14 -6.44
CA PHE A 91 -10.33 0.48 -7.76
C PHE A 91 -8.97 0.46 -8.44
N GLY A 92 -8.90 -0.11 -9.64
CA GLY A 92 -7.66 -0.23 -10.37
C GLY A 92 -7.48 0.89 -11.37
N VAL A 93 -6.28 1.47 -11.38
CA VAL A 93 -5.88 2.48 -12.35
C VAL A 93 -4.59 2.00 -12.99
N LYS A 94 -4.65 1.65 -14.28
CA LYS A 94 -3.50 1.04 -14.96
C LYS A 94 -2.65 2.14 -15.58
N VAL A 95 -1.61 2.55 -14.85
CA VAL A 95 -0.63 3.52 -15.36
C VAL A 95 0.65 2.86 -15.83
N LEU A 96 0.83 1.57 -15.56
CA LEU A 96 2.02 0.83 -15.99
C LEU A 96 1.60 -0.22 -17.00
N ASP A 97 2.43 -0.41 -18.02
CA ASP A 97 2.18 -1.45 -19.02
C ASP A 97 2.43 -2.83 -18.43
N ASP A 98 2.26 -3.86 -19.26
CA ASP A 98 2.40 -5.22 -18.76
C ASP A 98 3.84 -5.62 -18.50
N ASN A 99 4.81 -4.81 -18.91
CA ASN A 99 6.19 -4.98 -18.50
C ASN A 99 6.53 -4.26 -17.21
N GLY A 100 5.55 -3.57 -16.60
CA GLY A 100 5.80 -2.86 -15.37
C GLY A 100 6.36 -1.48 -15.56
N SER A 101 6.32 -0.93 -16.76
CA SER A 101 6.91 0.37 -17.06
C SER A 101 5.82 1.37 -17.44
N GLY A 102 6.11 2.64 -17.20
CA GLY A 102 5.20 3.68 -17.62
C GLY A 102 5.88 5.04 -17.56
N GLN A 103 5.46 5.97 -18.39
CA GLN A 103 6.14 7.25 -18.33
C GLN A 103 5.55 8.10 -17.22
N TYR A 104 6.35 9.06 -16.79
CA TYR A 104 5.94 9.93 -15.71
C TYR A 104 4.67 10.70 -16.03
N SER A 105 4.50 11.12 -17.28
CA SER A 105 3.29 11.88 -17.62
C SER A 105 2.03 11.04 -17.43
N THR A 106 2.12 9.74 -17.71
CA THR A 106 0.98 8.87 -17.49
C THR A 106 0.71 8.66 -16.00
N ILE A 107 1.77 8.50 -15.23
CA ILE A 107 1.61 8.32 -13.79
C ILE A 107 0.99 9.56 -13.18
N ILE A 108 1.42 10.75 -13.62
CA ILE A 108 0.82 12.01 -13.16
C ILE A 108 -0.65 12.07 -13.52
N ALA A 109 -0.99 11.71 -14.76
CA ALA A 109 -2.39 11.71 -15.16
C ALA A 109 -3.22 10.77 -14.29
N GLY A 110 -2.65 9.60 -13.94
CA GLY A 110 -3.38 8.67 -13.11
C GLY A 110 -3.64 9.17 -11.70
N MET A 111 -2.68 9.90 -11.13
CA MET A 111 -2.90 10.51 -9.82
C MET A 111 -3.96 11.59 -9.86
N ASP A 112 -3.90 12.47 -10.85
CA ASP A 112 -4.94 13.48 -10.99
C ASP A 112 -6.30 12.84 -11.28
N PHE A 113 -6.30 11.71 -12.01
CA PHE A 113 -7.54 10.98 -12.21
C PHE A 113 -8.16 10.55 -10.88
N VAL A 114 -7.36 9.97 -9.98
CA VAL A 114 -7.91 9.51 -8.70
C VAL A 114 -8.47 10.67 -7.90
N ALA A 115 -7.76 11.81 -7.90
CA ALA A 115 -8.22 12.96 -7.15
C ALA A 115 -9.62 13.39 -7.58
N SER A 116 -9.94 13.25 -8.86
CA SER A 116 -11.27 13.59 -9.35
C SER A 116 -12.23 12.41 -9.24
N ASP A 117 -11.78 11.22 -9.62
CA ASP A 117 -12.66 10.06 -9.73
C ASP A 117 -13.24 9.65 -8.39
N LYS A 118 -12.56 9.96 -7.29
CA LYS A 118 -13.14 9.61 -5.99
C LYS A 118 -14.51 10.25 -5.80
N ASN A 119 -14.78 11.38 -6.47
CA ASN A 119 -16.08 12.03 -6.42
C ASN A 119 -17.16 11.28 -7.20
N ASN A 120 -16.79 10.22 -7.92
CA ASN A 120 -17.73 9.35 -8.60
C ASN A 120 -17.94 8.03 -7.89
N ARG A 121 -17.37 7.88 -6.70
CA ARG A 121 -17.44 6.61 -5.98
C ARG A 121 -18.00 6.85 -4.59
N ASN A 122 -18.55 5.79 -4.01
CA ASN A 122 -19.14 5.86 -2.68
C ASN A 122 -18.15 5.32 -1.67
N CYS A 123 -17.54 6.23 -0.92
CA CYS A 123 -16.46 5.91 0.00
C CYS A 123 -16.69 6.71 1.28
N PRO A 124 -17.80 6.45 1.98
CA PRO A 124 -18.13 7.30 3.12
C PRO A 124 -17.08 7.29 4.22
N LYS A 125 -16.32 6.22 4.37
CA LYS A 125 -15.29 6.17 5.40
C LYS A 125 -13.96 6.75 4.95
N GLY A 126 -13.77 7.01 3.67
CA GLY A 126 -12.56 7.66 3.20
C GLY A 126 -11.91 6.89 2.05
N VAL A 127 -10.91 7.56 1.49
CA VAL A 127 -10.26 7.14 0.25
C VAL A 127 -8.75 7.05 0.46
N VAL A 128 -8.16 6.00 -0.07
CA VAL A 128 -6.73 5.73 0.00
C VAL A 128 -6.24 5.46 -1.41
N ALA A 129 -4.98 5.81 -1.68
CA ALA A 129 -4.33 5.44 -2.92
C ALA A 129 -3.01 4.78 -2.60
N SER A 130 -2.73 3.67 -3.28
CA SER A 130 -1.51 2.89 -3.07
C SER A 130 -0.69 2.94 -4.34
N LEU A 131 0.55 3.45 -4.23
CA LEU A 131 1.45 3.67 -5.37
C LEU A 131 2.74 2.87 -5.15
N SER A 132 2.74 1.62 -5.63
CA SER A 132 3.90 0.74 -5.54
C SER A 132 4.75 0.87 -6.80
N LEU A 133 5.29 2.09 -6.99
CA LEU A 133 6.04 2.40 -8.20
C LEU A 133 6.90 3.61 -7.89
N GLY A 134 7.87 3.86 -8.76
CA GLY A 134 8.69 5.03 -8.63
C GLY A 134 9.82 5.02 -9.62
N GLY A 135 10.50 6.17 -9.68
CA GLY A 135 11.69 6.32 -10.48
C GLY A 135 12.51 7.45 -9.91
N GLY A 136 13.37 8.04 -10.75
CA GLY A 136 14.21 9.11 -10.29
C GLY A 136 13.43 10.35 -9.91
N TYR A 137 14.07 11.25 -9.15
CA TYR A 137 13.39 12.44 -8.65
C TYR A 137 12.75 13.24 -9.78
N SER A 138 11.50 13.66 -9.55
CA SER A 138 10.79 14.54 -10.47
C SER A 138 9.90 15.43 -9.63
N SER A 139 10.10 16.75 -9.72
CA SER A 139 9.23 17.65 -8.98
C SER A 139 7.78 17.55 -9.46
N SER A 140 7.58 17.30 -10.75
CA SER A 140 6.22 17.19 -11.27
C SER A 140 5.51 15.96 -10.72
N VAL A 141 6.22 14.84 -10.60
CA VAL A 141 5.63 13.64 -10.01
C VAL A 141 5.31 13.86 -8.55
N ASN A 142 6.23 14.48 -7.81
CA ASN A 142 5.97 14.78 -6.40
C ASN A 142 4.77 15.70 -6.24
N SER A 143 4.67 16.73 -7.09
CA SER A 143 3.55 17.66 -7.01
C SER A 143 2.22 16.95 -7.26
N ALA A 144 2.20 16.02 -8.20
CA ALA A 144 0.99 15.25 -8.45
C ALA A 144 0.59 14.43 -7.22
N ALA A 145 1.57 13.80 -6.57
CA ALA A 145 1.27 13.05 -5.36
C ALA A 145 0.78 13.97 -4.25
N ALA A 146 1.37 15.16 -4.14
CA ALA A 146 0.93 16.15 -3.16
C ALA A 146 -0.49 16.62 -3.45
N ARG A 147 -0.83 16.82 -4.73
CA ARG A 147 -2.20 17.20 -5.07
C ARG A 147 -3.19 16.12 -4.68
N LEU A 148 -2.86 14.87 -4.97
CA LEU A 148 -3.75 13.77 -4.64
C LEU A 148 -4.01 13.71 -3.14
N GLN A 149 -2.94 13.83 -2.35
CA GLN A 149 -3.08 13.88 -0.90
C GLN A 149 -3.95 15.05 -0.47
N SER A 150 -3.64 16.24 -0.98
CA SER A 150 -4.38 17.44 -0.62
C SER A 150 -5.87 17.32 -0.94
N SER A 151 -6.21 16.59 -2.00
CA SER A 151 -7.60 16.43 -2.40
C SER A 151 -8.41 15.59 -1.42
N GLY A 152 -7.77 14.95 -0.43
CA GLY A 152 -8.49 14.15 0.54
C GLY A 152 -8.32 12.65 0.35
N VAL A 153 -7.16 12.24 -0.13
CA VAL A 153 -6.83 10.83 -0.33
C VAL A 153 -5.59 10.52 0.48
N MET A 154 -5.63 9.43 1.25
CA MET A 154 -4.43 8.99 1.95
C MET A 154 -3.50 8.35 0.92
N VAL A 155 -2.40 9.00 0.60
CA VAL A 155 -1.46 8.49 -0.41
C VAL A 155 -0.32 7.74 0.28
N ALA A 156 -0.18 6.47 -0.06
CA ALA A 156 0.93 5.63 0.40
C ALA A 156 1.78 5.28 -0.80
N VAL A 157 3.10 5.52 -0.70
CA VAL A 157 4.01 5.30 -1.82
C VAL A 157 5.20 4.45 -1.36
N ALA A 158 5.69 3.63 -2.29
CA ALA A 158 6.85 2.79 -2.01
C ALA A 158 8.14 3.63 -1.93
N ALA A 159 9.01 3.27 -0.98
CA ALA A 159 10.26 4.02 -0.82
C ALA A 159 11.23 3.73 -1.95
N GLY A 160 11.16 2.55 -2.56
CA GLY A 160 12.10 2.12 -3.58
C GLY A 160 13.03 1.02 -3.07
N ASN A 161 13.68 0.35 -4.02
CA ASN A 161 14.40 -0.90 -3.79
C ASN A 161 15.89 -0.81 -4.13
N ASN A 162 16.50 0.33 -3.86
CA ASN A 162 17.89 0.57 -4.26
C ASN A 162 18.86 0.56 -3.08
N ASN A 163 18.40 0.20 -1.88
CA ASN A 163 19.19 0.33 -0.66
C ASN A 163 19.88 1.69 -0.62
N ALA A 164 19.10 2.74 -0.87
CA ALA A 164 19.62 4.09 -1.02
C ALA A 164 18.66 5.06 -0.33
N ASP A 165 19.10 6.32 -0.22
CA ASP A 165 18.25 7.35 0.35
C ASP A 165 17.09 7.66 -0.60
N ALA A 166 15.87 7.54 -0.09
CA ALA A 166 14.66 7.74 -0.89
C ALA A 166 14.46 9.19 -1.32
N ARG A 167 15.26 10.14 -0.82
CA ARG A 167 15.13 11.53 -1.24
C ARG A 167 15.36 11.69 -2.74
N ASN A 168 16.01 10.73 -3.39
CA ASN A 168 16.35 10.81 -4.80
C ASN A 168 15.38 10.07 -5.70
N TYR A 169 14.22 9.69 -5.18
CA TYR A 169 13.23 8.95 -5.96
C TYR A 169 11.87 9.61 -5.81
N SER A 170 11.02 9.42 -6.82
CA SER A 170 9.69 10.01 -6.79
C SER A 170 8.67 8.93 -7.16
N PRO A 171 7.47 8.97 -6.56
CA PRO A 171 7.01 9.97 -5.58
C PRO A 171 7.50 9.76 -4.13
N ALA A 172 8.40 8.80 -3.90
CA ALA A 172 8.90 8.52 -2.54
C ALA A 172 9.34 9.78 -1.80
N SER A 173 9.96 10.72 -2.50
CA SER A 173 10.56 11.87 -1.82
C SER A 173 9.57 12.99 -1.53
N GLU A 174 8.30 12.87 -1.91
CA GLU A 174 7.35 13.94 -1.63
C GLU A 174 7.03 13.95 -0.13
N PRO A 175 7.29 15.06 0.57
CA PRO A 175 7.12 15.02 2.03
C PRO A 175 5.69 14.78 2.50
N SER A 176 4.68 15.23 1.74
CA SER A 176 3.32 15.24 2.27
C SER A 176 2.59 13.91 2.11
N VAL A 177 3.18 12.93 1.44
CA VAL A 177 2.56 11.61 1.33
C VAL A 177 3.23 10.66 2.31
N CYS A 178 2.74 9.43 2.39
CA CYS A 178 3.26 8.44 3.33
C CYS A 178 4.22 7.50 2.59
N THR A 179 5.52 7.65 2.88
CA THR A 179 6.55 6.88 2.19
C THR A 179 6.90 5.64 3.01
N VAL A 180 6.84 4.47 2.38
CA VAL A 180 6.84 3.19 3.07
C VAL A 180 8.08 2.39 2.71
N GLY A 181 8.90 2.05 3.73
CA GLY A 181 9.99 1.11 3.57
C GLY A 181 9.55 -0.33 3.88
N ALA A 182 10.46 -1.28 3.62
CA ALA A 182 10.14 -2.70 3.75
C ALA A 182 10.95 -3.37 4.86
N SER A 183 10.29 -4.29 5.58
CA SER A 183 10.94 -5.14 6.58
C SER A 183 10.70 -6.62 6.26
N ASP A 184 11.45 -7.47 6.93
CA ASP A 184 11.32 -8.92 6.79
C ASP A 184 10.72 -9.54 8.06
N ARG A 185 10.52 -10.86 8.00
CA ARG A 185 9.78 -11.55 9.06
C ARG A 185 10.54 -11.62 10.37
N TYR A 186 11.83 -11.30 10.37
CA TYR A 186 12.63 -11.24 11.58
C TYR A 186 12.88 -9.82 12.02
N ASP A 187 12.07 -8.88 11.54
CA ASP A 187 12.15 -7.48 11.94
C ASP A 187 13.47 -6.84 11.55
N ARG A 188 14.04 -7.26 10.43
CA ARG A 188 15.17 -6.56 9.83
C ARG A 188 14.64 -5.68 8.71
N ARG A 189 15.25 -4.51 8.52
CA ARG A 189 15.01 -3.80 7.28
C ARG A 189 15.33 -4.73 6.12
N SER A 190 14.42 -4.80 5.15
CA SER A 190 14.70 -5.59 3.96
C SER A 190 15.96 -5.08 3.28
N SER A 191 16.77 -5.99 2.77
CA SER A 191 18.11 -5.62 2.31
C SER A 191 18.08 -4.59 1.20
N PHE A 192 17.04 -4.64 0.35
CA PHE A 192 16.90 -3.72 -0.77
C PHE A 192 16.18 -2.43 -0.41
N SER A 193 15.61 -2.31 0.77
CA SER A 193 14.71 -1.19 1.04
C SER A 193 15.48 0.13 1.06
N ASN A 194 14.95 1.12 0.37
CA ASN A 194 15.45 2.47 0.56
C ASN A 194 15.16 2.93 1.99
N TYR A 195 15.83 4.02 2.37
CA TYR A 195 15.78 4.56 3.72
C TYR A 195 15.84 6.08 3.62
N GLY A 196 15.96 6.74 4.76
CA GLY A 196 16.18 8.18 4.79
C GLY A 196 15.12 8.90 5.60
N SER A 197 15.37 10.19 5.81
CA SER A 197 14.46 11.02 6.59
C SER A 197 13.09 11.13 5.96
N VAL A 198 12.96 10.93 4.65
CA VAL A 198 11.66 11.07 4.01
C VAL A 198 10.73 9.88 4.31
N LEU A 199 11.27 8.75 4.76
CA LEU A 199 10.41 7.62 5.11
C LEU A 199 9.54 7.98 6.30
N ASP A 200 8.30 7.51 6.26
CA ASP A 200 7.38 7.69 7.37
C ASP A 200 7.15 6.44 8.18
N ILE A 201 7.32 5.25 7.59
CA ILE A 201 6.86 4.02 8.20
C ILE A 201 7.48 2.86 7.43
N PHE A 202 7.60 1.72 8.10
CA PHE A 202 7.94 0.46 7.47
C PHE A 202 6.74 -0.48 7.51
N GLY A 203 6.65 -1.34 6.50
CA GLY A 203 5.70 -2.42 6.49
C GLY A 203 6.35 -3.70 5.98
N PRO A 204 5.67 -4.84 6.15
CA PRO A 204 6.22 -6.11 5.66
C PRO A 204 6.44 -6.09 4.15
N GLY A 205 7.66 -6.43 3.72
CA GLY A 205 8.00 -6.35 2.32
C GLY A 205 8.81 -7.49 1.75
N THR A 206 9.30 -8.40 2.58
CA THR A 206 10.09 -9.54 2.09
C THR A 206 9.24 -10.80 2.18
N ASP A 207 9.11 -11.51 1.06
CA ASP A 207 8.41 -12.79 0.98
C ASP A 207 6.94 -12.66 1.38
N ILE A 208 6.21 -11.86 0.59
CA ILE A 208 4.82 -11.52 0.85
C ILE A 208 3.92 -12.31 -0.08
N LEU A 209 3.09 -13.19 0.49
CA LEU A 209 2.14 -13.98 -0.29
C LEU A 209 0.91 -13.15 -0.59
N SER A 210 0.49 -13.15 -1.85
CA SER A 210 -0.72 -12.44 -2.25
C SER A 210 -1.22 -13.02 -3.57
N THR A 211 -2.28 -12.41 -4.10
CA THR A 211 -2.91 -12.81 -5.35
C THR A 211 -1.99 -12.55 -6.54
N TRP A 212 -2.21 -13.32 -7.60
CA TRP A 212 -1.52 -13.14 -8.86
C TRP A 212 -2.49 -13.38 -9.99
N ILE A 213 -2.08 -12.99 -11.20
CA ILE A 213 -2.96 -13.18 -12.35
C ILE A 213 -3.12 -14.67 -12.67
N GLY A 214 -4.16 -14.97 -13.45
CA GLY A 214 -4.52 -16.36 -13.66
C GLY A 214 -5.18 -17.00 -12.46
N GLY A 215 -5.79 -16.21 -11.58
CA GLY A 215 -6.45 -16.76 -10.41
C GLY A 215 -5.51 -17.47 -9.45
N SER A 216 -4.27 -17.03 -9.37
CA SER A 216 -3.22 -17.75 -8.66
C SER A 216 -2.74 -16.92 -7.46
N THR A 217 -1.65 -17.37 -6.86
CA THR A 217 -1.02 -16.66 -5.75
C THR A 217 0.48 -16.86 -5.88
N ARG A 218 1.25 -15.93 -5.29
CA ARG A 218 2.69 -16.13 -5.17
C ARG A 218 3.24 -15.18 -4.13
N SER A 219 4.46 -15.50 -3.68
CA SER A 219 5.16 -14.69 -2.70
C SER A 219 6.30 -13.96 -3.41
N ILE A 220 6.31 -12.63 -3.32
CA ILE A 220 7.35 -11.78 -3.90
C ILE A 220 7.76 -10.73 -2.88
N SER A 221 8.78 -9.94 -3.22
CA SER A 221 9.38 -9.00 -2.28
C SER A 221 9.56 -7.62 -2.91
N GLY A 222 9.48 -6.60 -2.08
CA GLY A 222 9.74 -5.24 -2.50
C GLY A 222 9.10 -4.23 -1.56
N THR A 223 9.55 -2.98 -1.68
CA THR A 223 8.75 -1.93 -1.03
C THR A 223 7.37 -1.82 -1.66
N SER A 224 7.22 -2.33 -2.89
CA SER A 224 5.91 -2.45 -3.52
C SER A 224 4.94 -3.28 -2.68
N MET A 225 5.45 -4.24 -1.91
CA MET A 225 4.61 -5.12 -1.10
C MET A 225 4.35 -4.52 0.28
N ALA A 226 5.27 -3.70 0.78
CA ALA A 226 5.06 -3.04 2.06
C ALA A 226 3.99 -1.95 1.95
N THR A 227 4.01 -1.20 0.85
CA THR A 227 3.10 -0.08 0.62
C THR A 227 1.63 -0.47 0.77
N PRO A 228 1.14 -1.54 0.13
CA PRO A 228 -0.27 -1.90 0.30
C PRO A 228 -0.63 -2.37 1.69
N HIS A 229 0.32 -2.87 2.49
CA HIS A 229 -0.01 -3.13 3.89
C HIS A 229 -0.40 -1.82 4.57
N VAL A 230 0.35 -0.76 4.32
CA VAL A 230 0.05 0.54 4.92
C VAL A 230 -1.22 1.14 4.34
N ALA A 231 -1.43 0.99 3.03
CA ALA A 231 -2.67 1.50 2.43
C ALA A 231 -3.88 0.78 2.99
N GLY A 232 -3.82 -0.55 3.08
CA GLY A 232 -4.93 -1.28 3.66
C GLY A 232 -5.13 -0.96 5.13
N LEU A 233 -4.04 -0.75 5.87
CA LEU A 233 -4.16 -0.36 7.27
C LEU A 233 -4.87 0.99 7.39
N ALA A 234 -4.54 1.95 6.52
CA ALA A 234 -5.20 3.24 6.57
C ALA A 234 -6.69 3.11 6.32
N ALA A 235 -7.08 2.31 5.31
CA ALA A 235 -8.50 2.09 5.02
C ALA A 235 -9.20 1.46 6.22
N TYR A 236 -8.57 0.48 6.83
CA TYR A 236 -9.11 -0.18 8.01
C TYR A 236 -9.31 0.81 9.16
N LEU A 237 -8.32 1.67 9.42
CA LEU A 237 -8.40 2.64 10.52
C LEU A 237 -9.41 3.73 10.22
N MET A 238 -9.55 4.11 8.96
CA MET A 238 -10.53 5.12 8.58
C MET A 238 -11.95 4.58 8.78
N THR A 239 -12.20 3.32 8.44
CA THR A 239 -13.50 2.72 8.69
C THR A 239 -13.81 2.69 10.18
N LEU A 240 -12.79 2.43 11.01
CA LEU A 240 -13.00 2.47 12.45
C LEU A 240 -13.22 3.87 12.99
N GLY A 241 -13.01 4.91 12.18
CA GLY A 241 -13.17 6.27 12.65
C GLY A 241 -11.98 6.81 13.41
N LYS A 242 -10.86 6.10 13.43
CA LYS A 242 -9.73 6.53 14.24
C LYS A 242 -8.90 7.62 13.58
N THR A 243 -9.02 7.81 12.27
CA THR A 243 -8.24 8.80 11.57
C THR A 243 -8.94 9.13 10.25
N THR A 244 -8.35 10.06 9.51
CA THR A 244 -8.86 10.56 8.25
C THR A 244 -7.75 10.47 7.21
N ALA A 245 -8.09 10.78 5.96
CA ALA A 245 -7.08 10.73 4.91
C ALA A 245 -5.93 11.70 5.18
N ALA A 246 -6.24 12.89 5.69
CA ALA A 246 -5.20 13.88 5.91
C ALA A 246 -4.29 13.51 7.07
N SER A 247 -4.78 12.73 8.01
CA SER A 247 -4.08 12.46 9.25
C SER A 247 -3.57 11.03 9.37
N ALA A 248 -3.91 10.14 8.43
CA ALA A 248 -3.68 8.72 8.63
C ALA A 248 -2.19 8.36 8.71
N CYS A 249 -1.35 9.00 7.89
CA CYS A 249 0.08 8.70 7.96
C CYS A 249 0.65 9.03 9.33
N ARG A 250 0.30 10.21 9.86
CA ARG A 250 0.75 10.60 11.19
C ARG A 250 0.19 9.65 12.24
N TYR A 251 -1.07 9.26 12.10
CA TYR A 251 -1.68 8.36 13.08
C TYR A 251 -0.98 7.01 13.08
N ILE A 252 -0.68 6.48 11.89
CA ILE A 252 0.01 5.20 11.79
C ILE A 252 1.40 5.29 12.40
N ALA A 253 2.10 6.40 12.14
CA ALA A 253 3.40 6.60 12.78
C ALA A 253 3.27 6.71 14.30
N ASP A 254 2.26 7.44 14.77
CA ASP A 254 2.04 7.60 16.22
C ASP A 254 1.80 6.25 16.90
N THR A 255 1.11 5.35 16.23
CA THR A 255 0.67 4.11 16.85
C THR A 255 1.54 2.91 16.46
N ALA A 256 2.63 3.15 15.72
CA ALA A 256 3.47 2.08 15.23
C ALA A 256 4.22 1.40 16.36
N ASN A 257 4.71 0.19 16.09
CA ASN A 257 5.73 -0.40 16.93
C ASN A 257 7.04 0.33 16.70
N LYS A 258 7.70 0.75 17.78
CA LYS A 258 8.81 1.68 17.72
C LYS A 258 10.09 1.02 18.19
N GLY A 259 11.16 1.18 17.42
CA GLY A 259 12.46 0.68 17.82
C GLY A 259 12.66 -0.81 17.70
N ASP A 260 11.81 -1.51 16.96
CA ASP A 260 11.87 -2.96 16.89
C ASP A 260 12.62 -3.50 15.68
N LEU A 261 12.95 -2.66 14.70
CA LEU A 261 13.63 -3.12 13.50
C LEU A 261 15.13 -2.98 13.62
N SER A 262 15.85 -3.91 13.02
CA SER A 262 17.31 -3.85 12.94
C SER A 262 17.74 -3.32 11.57
N ASN A 263 18.99 -2.85 11.53
CA ASN A 263 19.61 -2.27 10.34
C ASN A 263 18.83 -1.08 9.79
N ILE A 264 18.34 -0.23 10.69
CA ILE A 264 17.74 1.05 10.33
C ILE A 264 18.84 2.10 10.39
N PRO A 265 19.15 2.77 9.29
CA PRO A 265 20.21 3.80 9.34
C PRO A 265 19.85 4.89 10.33
N PHE A 266 20.89 5.47 10.92
CA PHE A 266 20.70 6.63 11.79
C PHE A 266 19.98 7.72 11.02
N GLY A 267 18.93 8.26 11.60
CA GLY A 267 18.17 9.30 10.93
C GLY A 267 16.99 8.82 10.11
N THR A 268 16.81 7.50 9.96
CA THR A 268 15.58 6.93 9.43
C THR A 268 14.70 6.48 10.60
N VAL A 269 13.39 6.70 10.48
CA VAL A 269 12.47 6.27 11.54
C VAL A 269 12.55 4.77 11.74
N ASN A 270 12.42 4.35 12.99
CA ASN A 270 12.33 2.93 13.34
C ASN A 270 10.89 2.69 13.79
N LEU A 271 10.00 2.61 12.80
CA LEU A 271 8.55 2.52 13.05
C LEU A 271 7.97 1.46 12.12
N LEU A 272 7.22 0.52 12.69
CA LEU A 272 6.63 -0.59 11.95
C LEU A 272 5.12 -0.53 12.11
N ALA A 273 4.41 -0.50 10.99
CA ALA A 273 2.96 -0.35 11.00
C ALA A 273 2.29 -1.38 11.89
N TYR A 274 1.31 -0.92 12.67
CA TYR A 274 0.66 -1.75 13.68
C TYR A 274 -0.78 -1.28 13.85
N ASN A 275 -1.73 -2.23 13.84
CA ASN A 275 -3.14 -1.86 13.88
C ASN A 275 -3.68 -1.64 15.29
N ASN A 276 -2.89 -1.94 16.31
CA ASN A 276 -3.28 -1.68 17.70
C ASN A 276 -4.61 -2.31 18.05
N TYR A 277 -4.93 -3.46 17.45
CA TYR A 277 -6.21 -4.10 17.67
C TYR A 277 -6.13 -4.98 18.91
N GLN A 278 -7.10 -4.77 19.80
CA GLN A 278 -7.25 -5.55 21.02
C GLN A 278 -8.56 -6.31 20.90
N ALA A 279 -8.48 -7.63 20.76
CA ALA A 279 -9.69 -8.46 20.68
C ALA A 279 -10.47 -8.41 21.98
#